data_8HYF
#
_entry.id   8HYF
#
_cell.length_a   81.219
_cell.length_b   81.219
_cell.length_c   147.315
_cell.angle_alpha   90.000
_cell.angle_beta   90.000
_cell.angle_gamma   120.000
#
_symmetry.space_group_name_H-M   'P 32 2 1'
#
loop_
_entity.id
_entity.type
_entity.pdbx_description
1 polymer 'Ripening-associated protein'
2 non-polymer GLYCEROL
3 non-polymer alpha-L-fucopyranose
4 non-polymer 'SULFATE ION'
5 non-polymer 'CADMIUM ION'
6 non-polymer 'CHLORIDE ION'
7 water water
#
_entity_poly.entity_id   1
_entity_poly.type   'polypeptide(L)'
_entity_poly.pdbx_seq_one_letter_code
;MNGAIKVGAWGGNGGSAFDMGPAYRIISVKIFSGDVVDGVDVTFTYYGKTETRHYGGSGGTPHEIVLQEGEYLVGMAGEV
ANYHGAVVLGKLGFSTNKKAYGPFGNTGGTPFSLPIAAGKISGFFGRGGKFLDAIGVYLEP
;
_entity_poly.pdbx_strand_id   A,B
#
# COMPACT_ATOMS: atom_id res chain seq x y z
N MET A 1 10.15 -15.08 -13.57
CA MET A 1 9.46 -15.80 -12.46
C MET A 1 9.24 -17.26 -12.88
N ASN A 2 8.04 -17.80 -12.60
CA ASN A 2 7.79 -19.23 -12.50
C ASN A 2 7.10 -19.78 -13.75
N GLY A 3 7.77 -19.62 -14.91
CA GLY A 3 7.17 -19.83 -16.21
C GLY A 3 6.52 -18.55 -16.79
N ALA A 4 6.91 -17.39 -16.26
CA ALA A 4 6.24 -16.15 -16.57
C ALA A 4 6.90 -15.49 -17.78
N ILE A 5 6.08 -14.71 -18.52
CA ILE A 5 6.58 -13.88 -19.59
C ILE A 5 6.38 -12.44 -19.17
N LYS A 6 7.49 -11.70 -19.13
CA LYS A 6 7.51 -10.34 -18.67
C LYS A 6 8.16 -9.51 -19.76
N VAL A 7 7.50 -8.40 -20.06
CA VAL A 7 7.77 -7.70 -21.28
C VAL A 7 7.95 -6.22 -20.94
N GLY A 8 9.19 -5.79 -21.20
CA GLY A 8 9.57 -4.40 -21.12
C GLY A 8 10.23 -4.08 -19.79
N ALA A 9 9.42 -3.34 -19.02
CA ALA A 9 9.82 -2.09 -18.38
C ALA A 9 10.17 -1.07 -19.48
N TRP A 10 9.22 -0.17 -19.83
CA TRP A 10 9.51 0.97 -20.70
C TRP A 10 9.59 2.23 -19.83
N GLY A 11 10.64 3.06 -20.01
CA GLY A 11 10.86 4.19 -19.12
C GLY A 11 12.32 4.38 -18.72
N GLY A 12 12.55 5.18 -17.67
CA GLY A 12 13.88 5.46 -17.15
C GLY A 12 14.28 4.49 -16.03
N ASN A 13 15.44 4.71 -15.41
CA ASN A 13 15.98 3.79 -14.41
C ASN A 13 15.88 4.41 -13.01
N GLY A 14 15.20 5.55 -12.95
CA GLY A 14 15.03 6.26 -11.70
C GLY A 14 13.97 5.57 -10.87
N GLY A 15 13.90 5.96 -9.60
CA GLY A 15 12.83 5.55 -8.71
C GLY A 15 13.14 4.21 -8.05
N SER A 16 12.06 3.51 -7.66
CA SER A 16 12.13 2.21 -7.01
C SER A 16 11.35 1.19 -7.83
N ALA A 17 11.97 0.02 -8.03
CA ALA A 17 11.32 -1.18 -8.55
C ALA A 17 9.97 -1.40 -7.87
N PHE A 18 8.98 -1.73 -8.69
CA PHE A 18 7.76 -2.32 -8.19
C PHE A 18 7.47 -3.53 -9.07
N ASP A 19 6.84 -4.53 -8.47
CA ASP A 19 6.53 -5.76 -9.18
C ASP A 19 5.20 -6.28 -8.66
N MET A 20 4.16 -6.25 -9.50
CA MET A 20 2.86 -6.65 -9.00
C MET A 20 2.80 -8.18 -8.91
N GLY A 21 3.49 -8.85 -9.84
CA GLY A 21 3.31 -10.27 -10.08
C GLY A 21 2.13 -10.50 -11.02
N PRO A 22 1.87 -11.74 -11.44
CA PRO A 22 0.66 -12.05 -12.22
C PRO A 22 -0.58 -12.15 -11.36
N ALA A 23 -1.71 -11.69 -11.91
CA ALA A 23 -3.01 -11.80 -11.27
C ALA A 23 -3.80 -12.96 -11.85
N TYR A 24 -4.72 -13.48 -11.05
CA TYR A 24 -5.69 -14.44 -11.55
C TYR A 24 -6.65 -13.66 -12.45
N ARG A 25 -6.99 -12.45 -12.03
CA ARG A 25 -7.95 -11.64 -12.75
C ARG A 25 -7.67 -10.19 -12.38
N ILE A 26 -7.48 -9.33 -13.38
CA ILE A 26 -7.44 -7.90 -13.14
C ILE A 26 -8.88 -7.38 -13.18
N ILE A 27 -9.33 -6.80 -12.06
CA ILE A 27 -10.67 -6.26 -11.92
C ILE A 27 -10.75 -4.88 -12.57
N SER A 28 -9.78 -4.02 -12.21
CA SER A 28 -9.77 -2.64 -12.65
C SER A 28 -8.33 -2.15 -12.65
N VAL A 29 -8.01 -1.29 -13.62
CA VAL A 29 -6.77 -0.52 -13.60
C VAL A 29 -7.14 0.97 -13.62
N LYS A 30 -6.36 1.77 -12.89
CA LYS A 30 -6.65 3.19 -12.70
C LYS A 30 -5.38 4.01 -12.90
N ILE A 31 -5.35 4.82 -13.97
CA ILE A 31 -4.15 5.59 -14.28
C ILE A 31 -4.37 7.01 -13.78
N PHE A 32 -3.34 7.53 -13.09
CA PHE A 32 -3.33 8.87 -12.56
C PHE A 32 -2.37 9.72 -13.39
N SER A 33 -2.92 10.75 -14.05
CA SER A 33 -2.15 11.57 -14.98
C SER A 33 -2.43 13.04 -14.71
N GLY A 34 -1.41 13.87 -14.95
CA GLY A 34 -1.57 15.26 -15.33
C GLY A 34 -0.75 15.55 -16.57
N ASP A 35 0.39 16.20 -16.35
CA ASP A 35 1.42 16.41 -17.36
C ASP A 35 1.95 15.06 -17.82
N VAL A 36 2.25 14.22 -16.83
CA VAL A 36 2.81 12.88 -17.04
C VAL A 36 1.86 11.84 -16.43
N VAL A 37 2.34 10.59 -16.42
CA VAL A 37 1.68 9.57 -15.63
C VAL A 37 2.26 9.67 -14.23
N ASP A 38 1.38 9.92 -13.25
CA ASP A 38 1.78 10.04 -11.86
C ASP A 38 1.96 8.64 -11.31
N GLY A 39 1.00 7.78 -11.60
CA GLY A 39 0.97 6.45 -11.03
C GLY A 39 -0.15 5.58 -11.59
N VAL A 40 -0.12 4.31 -11.19
CA VAL A 40 -1.17 3.38 -11.51
C VAL A 40 -1.52 2.67 -10.22
N ASP A 41 -2.85 2.58 -9.98
CA ASP A 41 -3.45 1.74 -8.97
C ASP A 41 -4.06 0.53 -9.67
N VAL A 42 -3.73 -0.68 -9.23
CA VAL A 42 -4.28 -1.90 -9.82
C VAL A 42 -5.14 -2.63 -8.80
N THR A 43 -6.24 -3.23 -9.26
CA THR A 43 -7.05 -4.07 -8.39
C THR A 43 -7.37 -5.39 -9.08
N PHE A 44 -7.05 -6.49 -8.37
CA PHE A 44 -6.97 -7.80 -8.96
C PHE A 44 -7.36 -8.89 -7.97
N THR A 45 -7.44 -10.12 -8.48
CA THR A 45 -7.72 -11.28 -7.66
C THR A 45 -6.45 -12.12 -7.57
N TYR A 46 -6.03 -12.43 -6.34
CA TYR A 46 -4.92 -13.34 -6.15
C TYR A 46 -5.34 -14.33 -5.06
N TYR A 47 -5.23 -15.63 -5.38
CA TYR A 47 -5.52 -16.71 -4.43
C TYR A 47 -6.99 -16.69 -4.01
N GLY A 48 -7.84 -15.91 -4.68
CA GLY A 48 -9.25 -15.88 -4.35
C GLY A 48 -9.67 -14.66 -3.53
N LYS A 49 -8.72 -13.84 -3.05
CA LYS A 49 -9.08 -12.58 -2.40
C LYS A 49 -8.71 -11.38 -3.29
N THR A 50 -9.54 -10.34 -3.20
CA THR A 50 -9.24 -9.03 -3.79
C THR A 50 -8.01 -8.39 -3.15
N GLU A 51 -7.19 -7.74 -3.99
CA GLU A 51 -6.03 -6.98 -3.54
C GLU A 51 -5.95 -5.72 -4.40
N THR A 52 -5.46 -4.62 -3.80
CA THR A 52 -5.19 -3.40 -4.54
C THR A 52 -3.77 -2.92 -4.24
N ARG A 53 -3.05 -2.53 -5.30
CA ARG A 53 -1.68 -2.06 -5.18
C ARG A 53 -1.60 -0.66 -5.78
N HIS A 54 -0.67 0.13 -5.24
CA HIS A 54 -0.51 1.53 -5.59
C HIS A 54 0.91 1.79 -6.04
N TYR A 55 1.07 1.92 -7.37
CA TYR A 55 2.35 2.09 -8.04
C TYR A 55 2.56 3.55 -8.41
N GLY A 56 3.84 3.93 -8.53
CA GLY A 56 4.20 5.28 -8.92
C GLY A 56 3.87 6.22 -7.78
N GLY A 57 3.90 7.53 -8.06
CA GLY A 57 3.53 8.53 -7.08
C GLY A 57 2.01 8.67 -6.95
N SER A 58 1.61 9.59 -6.07
CA SER A 58 0.24 9.73 -5.59
C SER A 58 -0.48 10.88 -6.27
N GLY A 59 0.25 11.64 -7.10
CA GLY A 59 -0.31 12.79 -7.77
C GLY A 59 -1.31 12.42 -8.87
N GLY A 60 -1.76 13.44 -9.60
CA GLY A 60 -2.48 13.28 -10.85
C GLY A 60 -3.97 12.98 -10.69
N THR A 61 -4.63 12.76 -11.82
CA THR A 61 -6.08 12.63 -11.87
C THR A 61 -6.45 11.27 -12.42
N PRO A 62 -7.39 10.55 -11.78
CA PRO A 62 -7.65 9.15 -12.12
C PRO A 62 -8.35 8.97 -13.46
N HIS A 63 -7.99 7.90 -14.15
CA HIS A 63 -8.73 7.40 -15.30
C HIS A 63 -8.85 5.89 -15.11
N GLU A 64 -10.06 5.40 -14.87
CA GLU A 64 -10.24 4.04 -14.39
C GLU A 64 -10.73 3.17 -15.55
N ILE A 65 -10.04 2.05 -15.78
CA ILE A 65 -10.52 1.03 -16.70
C ILE A 65 -11.10 -0.13 -15.88
N VAL A 66 -12.43 -0.31 -15.93
CA VAL A 66 -13.11 -1.41 -15.26
C VAL A 66 -13.37 -2.54 -16.25
N LEU A 67 -12.64 -3.65 -16.10
CA LEU A 67 -12.81 -4.78 -16.99
C LEU A 67 -14.12 -5.47 -16.65
N GLN A 68 -15.10 -5.46 -17.57
CA GLN A 68 -16.27 -6.33 -17.45
C GLN A 68 -15.77 -7.78 -17.50
N GLU A 69 -16.65 -8.75 -17.21
CA GLU A 69 -16.29 -10.14 -17.45
C GLU A 69 -16.18 -10.31 -18.97
N GLY A 70 -15.16 -11.07 -19.40
CA GLY A 70 -14.90 -11.30 -20.81
C GLY A 70 -14.05 -10.20 -21.47
N GLU A 71 -13.74 -9.13 -20.72
CA GLU A 71 -12.89 -8.04 -21.18
C GLU A 71 -11.47 -8.32 -20.70
N TYR A 72 -10.51 -8.16 -21.62
CA TYR A 72 -9.10 -8.49 -21.39
C TYR A 72 -8.24 -7.33 -21.88
N LEU A 73 -7.09 -7.13 -21.23
CA LEU A 73 -6.14 -6.13 -21.67
C LEU A 73 -5.23 -6.72 -22.75
N VAL A 74 -5.29 -6.19 -23.97
CA VAL A 74 -4.60 -6.82 -25.09
C VAL A 74 -3.77 -5.80 -25.86
N GLY A 75 -3.45 -4.68 -25.19
CA GLY A 75 -2.57 -3.67 -25.74
C GLY A 75 -2.19 -2.66 -24.68
N MET A 76 -1.01 -2.07 -24.81
CA MET A 76 -0.56 -1.00 -23.92
C MET A 76 0.45 -0.19 -24.71
N ALA A 77 0.25 1.12 -24.76
CA ALA A 77 1.12 1.99 -25.56
C ALA A 77 1.32 3.29 -24.79
N GLY A 78 2.40 4.02 -25.09
CA GLY A 78 2.74 5.21 -24.33
C GLY A 78 3.86 6.03 -24.95
N GLU A 79 4.45 6.91 -24.13
CA GLU A 79 5.56 7.76 -24.54
C GLU A 79 6.50 8.01 -23.37
N VAL A 80 7.74 7.50 -23.51
CA VAL A 80 8.86 7.68 -22.59
C VAL A 80 9.41 9.10 -22.76
N ALA A 81 9.43 9.85 -21.66
CA ALA A 81 9.50 11.31 -21.70
C ALA A 81 10.56 11.81 -20.72
N ASN A 82 11.32 12.83 -21.14
CA ASN A 82 12.07 13.61 -20.17
C ASN A 82 11.07 14.57 -19.52
N TYR A 83 11.25 14.82 -18.22
CA TYR A 83 10.30 15.60 -17.46
C TYR A 83 10.98 16.12 -16.22
N HIS A 84 11.36 17.40 -16.28
CA HIS A 84 11.90 18.07 -15.12
C HIS A 84 13.12 17.27 -14.63
N GLY A 85 13.88 16.71 -15.60
CA GLY A 85 15.11 16.00 -15.29
C GLY A 85 14.99 14.47 -15.25
N ALA A 86 13.83 13.94 -14.81
CA ALA A 86 13.63 12.50 -14.72
C ALA A 86 13.01 11.95 -16.01
N VAL A 87 13.35 10.70 -16.36
CA VAL A 87 12.76 10.04 -17.52
C VAL A 87 11.60 9.19 -17.05
N VAL A 88 10.38 9.52 -17.47
CA VAL A 88 9.18 8.88 -16.95
C VAL A 88 8.17 8.70 -18.08
N LEU A 89 7.02 8.11 -17.79
CA LEU A 89 5.97 8.02 -18.78
C LEU A 89 5.18 9.31 -18.83
N GLY A 90 5.31 10.02 -19.95
CA GLY A 90 4.52 11.20 -20.29
C GLY A 90 3.12 10.85 -20.81
N LYS A 91 2.93 9.65 -21.36
CA LYS A 91 1.63 9.18 -21.79
C LYS A 91 1.56 7.66 -21.68
N LEU A 92 0.39 7.17 -21.26
CA LEU A 92 0.13 5.74 -21.15
C LEU A 92 -1.33 5.46 -21.51
N GLY A 93 -1.58 4.51 -22.44
CA GLY A 93 -2.92 4.00 -22.70
C GLY A 93 -3.00 2.48 -22.62
N PHE A 94 -4.18 1.93 -22.91
CA PHE A 94 -4.42 0.49 -22.91
C PHE A 94 -5.56 0.15 -23.85
N SER A 95 -5.54 -1.06 -24.45
CA SER A 95 -6.65 -1.55 -25.25
C SER A 95 -7.16 -2.84 -24.63
N THR A 96 -8.48 -2.99 -24.62
CA THR A 96 -9.11 -4.26 -24.36
C THR A 96 -9.74 -4.75 -25.65
N ASN A 97 -10.40 -5.90 -25.56
CA ASN A 97 -11.06 -6.52 -26.69
C ASN A 97 -12.40 -5.83 -26.91
N LYS A 98 -12.61 -4.66 -26.28
CA LYS A 98 -13.85 -3.92 -26.47
C LYS A 98 -13.54 -2.47 -26.85
N LYS A 99 -12.67 -1.78 -26.10
CA LYS A 99 -12.39 -0.37 -26.38
C LYS A 99 -10.92 -0.06 -26.09
N ALA A 100 -10.46 1.11 -26.58
CA ALA A 100 -9.18 1.69 -26.17
C ALA A 100 -9.44 2.70 -25.05
N TYR A 101 -8.42 3.00 -24.24
CA TYR A 101 -8.52 4.05 -23.23
C TYR A 101 -7.28 4.90 -23.34
N GLY A 102 -7.46 6.22 -23.24
CA GLY A 102 -6.34 7.15 -23.25
C GLY A 102 -5.82 7.40 -24.66
N PRO A 103 -4.54 7.79 -24.85
CA PRO A 103 -3.55 7.82 -23.79
C PRO A 103 -3.79 8.97 -22.82
N PHE A 104 -3.37 8.74 -21.56
CA PHE A 104 -3.47 9.70 -20.49
C PHE A 104 -2.11 10.32 -20.24
N GLY A 105 -2.12 11.63 -19.93
CA GLY A 105 -0.91 12.42 -19.79
C GLY A 105 -0.65 13.22 -21.06
N ASN A 106 0.18 14.27 -20.94
CA ASN A 106 0.23 15.33 -21.93
C ASN A 106 1.67 15.65 -22.30
N THR A 107 2.61 14.80 -21.89
CA THR A 107 4.00 15.02 -22.24
C THR A 107 4.43 13.99 -23.28
N GLY A 108 4.74 14.49 -24.48
CA GLY A 108 5.27 13.65 -25.54
C GLY A 108 6.72 13.23 -25.26
N GLY A 109 7.18 12.26 -26.05
CA GLY A 109 8.50 11.68 -25.92
C GLY A 109 8.65 10.54 -26.92
N THR A 110 9.60 9.65 -26.67
CA THR A 110 9.83 8.54 -27.59
C THR A 110 8.72 7.51 -27.36
N PRO A 111 7.92 7.15 -28.39
CA PRO A 111 6.79 6.25 -28.19
C PRO A 111 7.19 4.77 -28.09
N PHE A 112 6.34 4.01 -27.39
CA PHE A 112 6.37 2.56 -27.41
C PHE A 112 4.96 2.04 -27.69
N SER A 113 4.87 0.87 -28.32
CA SER A 113 3.59 0.20 -28.46
C SER A 113 3.78 -1.30 -28.28
N LEU A 114 2.77 -1.93 -27.70
CA LEU A 114 2.73 -3.36 -27.50
C LEU A 114 1.34 -3.84 -27.89
N PRO A 115 1.10 -4.06 -29.19
CA PRO A 115 -0.07 -4.80 -29.64
C PRO A 115 0.08 -6.28 -29.26
N ILE A 116 -0.94 -6.86 -28.63
CA ILE A 116 -0.89 -8.25 -28.22
C ILE A 116 -1.86 -9.00 -29.12
N ALA A 117 -1.31 -9.58 -30.18
CA ALA A 117 -2.07 -10.28 -31.21
C ALA A 117 -2.75 -11.50 -30.60
N ALA A 118 -2.02 -12.25 -29.79
CA ALA A 118 -2.61 -13.29 -28.96
C ALA A 118 -1.98 -13.27 -27.57
N GLY A 119 -2.86 -13.40 -26.58
CA GLY A 119 -2.51 -13.28 -25.18
C GLY A 119 -3.26 -12.11 -24.57
N LYS A 120 -3.00 -11.89 -23.27
CA LYS A 120 -3.46 -10.73 -22.55
C LYS A 120 -2.38 -10.31 -21.57
N ILE A 121 -2.50 -9.07 -21.12
CA ILE A 121 -1.73 -8.54 -20.00
C ILE A 121 -2.34 -9.16 -18.75
N SER A 122 -1.50 -9.82 -17.93
CA SER A 122 -1.94 -10.44 -16.69
C SER A 122 -1.42 -9.72 -15.44
N GLY A 123 -0.32 -8.95 -15.53
CA GLY A 123 0.19 -8.26 -14.36
C GLY A 123 1.03 -7.05 -14.75
N PHE A 124 1.56 -6.33 -13.76
CA PHE A 124 2.40 -5.17 -14.05
C PHE A 124 3.67 -5.16 -13.22
N PHE A 125 4.60 -4.34 -13.66
CA PHE A 125 5.80 -4.07 -12.90
C PHE A 125 6.46 -2.86 -13.51
N GLY A 126 7.46 -2.32 -12.80
CA GLY A 126 8.23 -1.23 -13.37
C GLY A 126 8.98 -0.46 -12.30
N ARG A 127 8.97 0.88 -12.46
CA ARG A 127 9.63 1.78 -11.54
C ARG A 127 8.72 2.95 -11.20
N GLY A 128 8.86 3.43 -9.94
CA GLY A 128 7.98 4.39 -9.31
C GLY A 128 8.77 5.35 -8.43
N GLY A 129 8.39 6.63 -8.48
CA GLY A 129 8.88 7.63 -7.57
C GLY A 129 7.82 8.72 -7.34
N LYS A 130 8.20 9.96 -7.68
CA LYS A 130 7.25 11.05 -7.66
C LYS A 130 6.19 10.71 -8.69
N PHE A 131 6.64 10.09 -9.81
CA PHE A 131 5.79 9.67 -10.92
C PHE A 131 6.14 8.24 -11.38
N LEU A 132 5.51 7.82 -12.47
CA LEU A 132 5.69 6.49 -13.00
C LEU A 132 6.87 6.47 -13.97
N ASP A 133 8.07 6.23 -13.42
CA ASP A 133 9.31 6.22 -14.19
C ASP A 133 9.25 5.21 -15.33
N ALA A 134 8.56 4.08 -15.11
CA ALA A 134 8.61 2.97 -16.05
C ALA A 134 7.56 1.91 -15.73
N ILE A 135 7.11 1.17 -16.76
CA ILE A 135 6.11 0.15 -16.60
C ILE A 135 6.32 -0.96 -17.63
N GLY A 136 6.15 -2.20 -17.14
CA GLY A 136 6.10 -3.41 -17.98
C GLY A 136 4.83 -4.20 -17.69
N VAL A 137 4.69 -5.34 -18.38
CA VAL A 137 3.57 -6.25 -18.17
C VAL A 137 4.05 -7.70 -18.10
N TYR A 138 3.26 -8.52 -17.37
CA TYR A 138 3.21 -9.96 -17.51
C TYR A 138 2.25 -10.32 -18.65
N LEU A 139 2.61 -11.32 -19.45
CA LEU A 139 1.69 -11.81 -20.48
C LEU A 139 1.31 -13.26 -20.19
N GLU A 140 0.17 -13.68 -20.77
CA GLU A 140 -0.22 -15.08 -20.78
C GLU A 140 -1.27 -15.25 -21.88
N PRO A 141 -1.53 -16.48 -22.38
CA PRO A 141 -2.46 -16.70 -23.48
C PRO A 141 -3.86 -16.12 -23.25
N GLY B 3 15.22 -2.93 30.99
CA GLY B 3 13.97 -3.48 31.54
C GLY B 3 13.12 -4.21 30.49
N ALA B 4 12.61 -3.45 29.52
CA ALA B 4 11.45 -3.83 28.72
C ALA B 4 11.72 -4.88 27.65
N ILE B 5 10.62 -5.46 27.20
CA ILE B 5 10.58 -6.38 26.07
C ILE B 5 9.88 -5.66 24.92
N LYS B 6 10.67 -5.29 23.91
CA LYS B 6 10.16 -4.64 22.72
C LYS B 6 10.26 -5.60 21.56
N VAL B 7 9.19 -5.66 20.79
CA VAL B 7 9.06 -6.64 19.75
C VAL B 7 8.68 -5.89 18.47
N GLY B 8 9.58 -6.04 17.49
CA GLY B 8 9.29 -5.64 16.13
C GLY B 8 9.88 -4.28 15.83
N ALA B 9 8.95 -3.38 15.47
CA ALA B 9 9.03 -2.44 14.37
C ALA B 9 8.80 -3.24 13.09
N TRP B 10 7.54 -3.47 12.72
CA TRP B 10 7.16 -3.98 11.41
C TRP B 10 6.82 -2.80 10.50
N GLY B 11 7.40 -2.73 9.30
CA GLY B 11 7.20 -1.57 8.42
C GLY B 11 8.49 -1.02 7.82
N GLY B 12 8.43 0.24 7.35
CA GLY B 12 9.53 0.89 6.62
C GLY B 12 10.47 1.68 7.53
N ASN B 13 11.48 2.33 6.91
CA ASN B 13 12.53 2.99 7.66
C ASN B 13 12.44 4.52 7.53
N GLY B 14 11.42 5.00 6.79
CA GLY B 14 11.15 6.41 6.63
C GLY B 14 10.32 6.96 7.79
N GLY B 15 10.05 8.26 7.77
CA GLY B 15 9.36 8.93 8.85
C GLY B 15 10.31 9.28 9.98
N SER B 16 9.77 9.75 11.10
CA SER B 16 10.55 9.89 12.32
C SER B 16 10.12 8.83 13.32
N ALA B 17 11.07 8.42 14.16
CA ALA B 17 10.83 7.42 15.17
C ALA B 17 9.90 8.00 16.24
N PHE B 18 9.19 7.11 16.90
CA PHE B 18 8.37 7.48 18.03
C PHE B 18 8.46 6.33 19.03
N ASP B 19 8.01 6.62 20.25
CA ASP B 19 8.22 5.69 21.32
C ASP B 19 7.34 6.09 22.49
N MET B 20 6.17 5.46 22.57
CA MET B 20 5.20 5.76 23.59
C MET B 20 5.76 5.39 24.95
N GLY B 21 6.59 4.35 25.00
CA GLY B 21 6.93 3.73 26.27
C GLY B 21 5.77 2.88 26.75
N PRO B 22 5.99 2.04 27.79
CA PRO B 22 4.92 1.24 28.39
C PRO B 22 3.99 2.08 29.24
N ALA B 23 2.70 1.75 29.19
CA ALA B 23 1.68 2.38 30.02
C ALA B 23 1.38 1.46 31.18
N TYR B 24 0.68 2.00 32.17
CA TYR B 24 0.12 1.19 33.21
C TYR B 24 -1.04 0.41 32.60
N ARG B 25 -2.20 1.06 32.40
CA ARG B 25 -3.27 0.52 31.57
C ARG B 25 -3.37 1.31 30.27
N ILE B 26 -3.78 0.64 29.20
CA ILE B 26 -4.19 1.26 27.97
C ILE B 26 -5.71 1.43 28.01
N ILE B 27 -6.23 2.56 27.52
CA ILE B 27 -7.67 2.78 27.62
C ILE B 27 -8.27 2.54 26.24
N SER B 28 -7.73 3.23 25.25
CA SER B 28 -8.30 3.19 23.92
C SER B 28 -7.17 3.22 22.89
N VAL B 29 -7.34 2.50 21.80
CA VAL B 29 -6.52 2.72 20.62
C VAL B 29 -7.45 3.18 19.51
N LYS B 30 -7.02 4.21 18.78
CA LYS B 30 -7.77 4.65 17.61
C LYS B 30 -6.90 4.54 16.36
N ILE B 31 -7.41 3.83 15.35
CA ILE B 31 -6.65 3.59 14.13
C ILE B 31 -7.34 4.30 12.97
N PHE B 32 -6.70 5.35 12.48
CA PHE B 32 -7.12 6.04 11.27
C PHE B 32 -6.50 5.39 10.02
N SER B 33 -7.37 5.03 9.07
CA SER B 33 -6.97 4.35 7.86
C SER B 33 -7.77 4.90 6.69
N GLY B 34 -7.15 4.89 5.50
CA GLY B 34 -7.89 4.95 4.25
C GLY B 34 -7.50 3.76 3.37
N ASP B 35 -6.78 4.06 2.29
CA ASP B 35 -5.99 3.06 1.59
C ASP B 35 -5.07 2.33 2.56
N VAL B 36 -4.34 3.12 3.36
CA VAL B 36 -3.34 2.61 4.27
C VAL B 36 -3.67 3.04 5.70
N VAL B 37 -2.73 2.79 6.63
CA VAL B 37 -2.88 3.17 8.01
C VAL B 37 -2.25 4.54 8.20
N ASP B 38 -3.10 5.55 8.39
CA ASP B 38 -2.61 6.91 8.48
C ASP B 38 -1.97 7.15 9.84
N GLY B 39 -2.55 6.60 10.91
CA GLY B 39 -2.14 6.98 12.23
C GLY B 39 -2.84 6.19 13.33
N VAL B 40 -2.31 6.33 14.54
CA VAL B 40 -2.87 5.66 15.70
C VAL B 40 -2.83 6.65 16.84
N ASP B 41 -3.97 6.79 17.54
CA ASP B 41 -4.05 7.51 18.80
C ASP B 41 -4.06 6.46 19.91
N VAL B 42 -3.24 6.65 20.95
CA VAL B 42 -3.33 5.79 22.13
C VAL B 42 -3.60 6.66 23.35
N THR B 43 -4.52 6.19 24.20
CA THR B 43 -4.84 6.87 25.44
C THR B 43 -4.71 5.85 26.56
N PHE B 44 -3.98 6.24 27.61
CA PHE B 44 -3.44 5.30 28.59
C PHE B 44 -3.08 5.96 29.93
N THR B 45 -3.06 5.19 31.01
CA THR B 45 -2.66 5.74 32.30
C THR B 45 -1.17 5.49 32.47
N TYR B 46 -0.49 6.42 33.17
CA TYR B 46 0.96 6.38 33.36
C TYR B 46 1.32 7.14 34.63
N TYR B 47 1.62 6.37 35.68
CA TYR B 47 2.08 6.91 36.95
C TYR B 47 1.11 7.96 37.45
N GLY B 48 -0.17 7.58 37.46
CA GLY B 48 -1.22 8.42 37.99
C GLY B 48 -1.77 9.45 37.01
N LYS B 49 -1.17 9.62 35.82
CA LYS B 49 -1.68 10.57 34.82
C LYS B 49 -2.51 9.83 33.75
N THR B 50 -3.24 10.58 32.93
CA THR B 50 -3.84 10.02 31.73
C THR B 50 -3.32 10.79 30.54
N GLU B 51 -2.72 10.11 29.57
CA GLU B 51 -2.12 10.80 28.43
C GLU B 51 -2.69 10.24 27.13
N THR B 52 -2.58 11.05 26.07
CA THR B 52 -2.88 10.60 24.73
C THR B 52 -1.69 10.88 23.83
N ARG B 53 -1.39 9.95 22.91
CA ARG B 53 -0.42 10.22 21.87
C ARG B 53 -1.04 9.89 20.52
N HIS B 54 -0.67 10.68 19.49
CA HIS B 54 -1.02 10.45 18.10
C HIS B 54 0.25 10.08 17.37
N TYR B 55 0.26 8.94 16.66
CA TYR B 55 1.40 8.56 15.84
C TYR B 55 1.01 8.60 14.38
N GLY B 56 1.94 9.08 13.56
CA GLY B 56 1.70 9.24 12.13
C GLY B 56 0.69 10.36 11.84
N GLY B 57 0.17 10.38 10.62
CA GLY B 57 -0.37 11.58 10.02
C GLY B 57 -1.83 11.86 10.40
N SER B 58 -2.36 12.87 9.72
CA SER B 58 -3.64 13.45 10.07
C SER B 58 -4.78 12.80 9.27
N GLY B 59 -4.45 11.96 8.28
CA GLY B 59 -5.45 11.45 7.36
C GLY B 59 -6.34 10.38 7.97
N GLY B 60 -7.26 9.87 7.15
CA GLY B 60 -7.94 8.62 7.41
C GLY B 60 -9.26 8.80 8.14
N THR B 61 -10.02 7.71 8.22
CA THR B 61 -11.22 7.58 9.02
C THR B 61 -10.92 6.74 10.25
N PRO B 62 -11.34 7.14 11.48
CA PRO B 62 -10.95 6.45 12.71
C PRO B 62 -11.80 5.22 13.01
N HIS B 63 -11.17 4.24 13.67
CA HIS B 63 -11.85 3.13 14.30
C HIS B 63 -11.25 2.92 15.68
N GLU B 64 -12.12 2.85 16.69
CA GLU B 64 -11.74 2.91 18.10
C GLU B 64 -11.81 1.53 18.73
N ILE B 65 -10.77 1.18 19.49
CA ILE B 65 -10.83 0.05 20.39
C ILE B 65 -10.86 0.60 21.81
N VAL B 66 -11.98 0.39 22.50
CA VAL B 66 -12.15 0.80 23.88
C VAL B 66 -12.12 -0.45 24.77
N LEU B 67 -11.17 -0.47 25.70
CA LEU B 67 -10.91 -1.65 26.50
C LEU B 67 -11.85 -1.64 27.70
N GLN B 68 -12.44 -2.80 28.01
CA GLN B 68 -13.35 -2.96 29.13
C GLN B 68 -12.56 -3.29 30.41
N GLU B 69 -13.28 -3.53 31.51
CA GLU B 69 -12.70 -4.14 32.69
C GLU B 69 -11.89 -5.35 32.26
N GLY B 70 -10.63 -5.42 32.71
CA GLY B 70 -9.77 -6.56 32.39
C GLY B 70 -9.90 -7.00 30.93
N GLU B 71 -9.74 -6.03 30.01
CA GLU B 71 -9.56 -6.30 28.60
C GLU B 71 -8.14 -5.87 28.23
N TYR B 72 -7.31 -6.84 27.79
CA TYR B 72 -5.93 -6.63 27.42
C TYR B 72 -5.80 -6.73 25.90
N LEU B 73 -4.83 -6.04 25.31
CA LEU B 73 -4.47 -6.32 23.93
C LEU B 73 -3.58 -7.56 23.91
N VAL B 74 -4.00 -8.63 23.21
CA VAL B 74 -3.22 -9.86 23.16
C VAL B 74 -2.95 -10.34 21.75
N GLY B 75 -2.73 -9.40 20.84
CA GLY B 75 -2.63 -9.65 19.41
C GLY B 75 -2.46 -8.35 18.64
N MET B 76 -1.56 -8.36 17.68
CA MET B 76 -1.50 -7.29 16.70
C MET B 76 -1.12 -7.97 15.40
N ALA B 77 -1.53 -7.39 14.26
CA ALA B 77 -1.38 -7.99 12.95
C ALA B 77 -1.76 -6.99 11.86
N GLY B 78 -1.05 -7.04 10.73
CA GLY B 78 -1.36 -6.18 9.60
C GLY B 78 -0.49 -6.54 8.41
N GLU B 79 -0.25 -5.58 7.50
CA GLU B 79 0.54 -5.83 6.29
C GLU B 79 1.41 -4.61 6.00
N VAL B 80 2.74 -4.84 5.97
CA VAL B 80 3.78 -3.93 5.52
C VAL B 80 3.49 -3.65 4.03
N ALA B 81 3.68 -2.42 3.56
CA ALA B 81 3.25 -2.04 2.21
C ALA B 81 4.17 -0.98 1.59
N ASN B 82 4.31 -1.06 0.25
CA ASN B 82 4.80 0.04 -0.56
C ASN B 82 3.60 0.81 -1.12
N TYR B 83 3.61 2.13 -0.88
CA TYR B 83 2.51 3.00 -1.22
C TYR B 83 3.07 4.23 -1.90
N HIS B 84 2.85 4.32 -3.22
CA HIS B 84 3.26 5.49 -3.97
C HIS B 84 4.60 6.01 -3.45
N GLY B 85 5.49 5.09 -3.12
CA GLY B 85 6.83 5.45 -2.67
C GLY B 85 7.15 4.84 -1.31
N ALA B 86 6.60 5.42 -0.25
CA ALA B 86 6.95 5.04 1.11
C ALA B 86 6.41 3.65 1.44
N VAL B 87 7.13 3.00 2.36
CA VAL B 87 6.80 1.68 2.89
C VAL B 87 6.13 1.88 4.25
N VAL B 88 4.89 1.42 4.36
CA VAL B 88 4.04 1.79 5.48
C VAL B 88 3.15 0.62 5.83
N LEU B 89 2.53 0.71 7.02
CA LEU B 89 1.44 -0.19 7.38
C LEU B 89 0.30 0.08 6.43
N GLY B 90 -0.16 -0.97 5.75
CA GLY B 90 -1.27 -0.86 4.83
C GLY B 90 -2.53 -1.37 5.48
N LYS B 91 -2.35 -2.30 6.43
CA LYS B 91 -3.45 -2.81 7.23
C LYS B 91 -2.95 -3.06 8.63
N LEU B 92 -3.86 -3.01 9.60
CA LEU B 92 -3.49 -3.15 11.00
C LEU B 92 -4.71 -3.49 11.83
N GLY B 93 -4.56 -4.45 12.74
CA GLY B 93 -5.63 -4.80 13.66
C GLY B 93 -5.09 -5.37 14.97
N PHE B 94 -5.97 -5.40 15.99
CA PHE B 94 -5.61 -5.88 17.30
C PHE B 94 -6.61 -6.98 17.70
N SER B 95 -6.19 -7.78 18.68
CA SER B 95 -7.10 -8.64 19.41
C SER B 95 -7.01 -8.32 20.89
N THR B 96 -8.19 -8.25 21.52
CA THR B 96 -8.29 -8.28 22.96
C THR B 96 -8.51 -9.74 23.34
N ASN B 97 -8.70 -9.98 24.64
CA ASN B 97 -8.95 -11.31 25.15
C ASN B 97 -10.44 -11.62 25.01
N LYS B 98 -11.21 -10.71 24.41
CA LYS B 98 -12.63 -10.93 24.15
C LYS B 98 -12.91 -10.89 22.65
N LYS B 99 -12.44 -9.83 21.98
CA LYS B 99 -12.76 -9.56 20.59
C LYS B 99 -11.51 -9.43 19.72
N ALA B 100 -11.68 -9.66 18.41
CA ALA B 100 -10.76 -9.21 17.38
C ALA B 100 -11.30 -7.88 16.82
N TYR B 101 -10.38 -7.00 16.38
CA TYR B 101 -10.75 -5.73 15.81
C TYR B 101 -9.96 -5.53 14.53
N GLY B 102 -10.62 -4.98 13.51
CA GLY B 102 -9.98 -4.70 12.25
C GLY B 102 -9.80 -5.99 11.46
N PRO B 103 -8.75 -6.15 10.64
CA PRO B 103 -7.73 -5.11 10.45
C PRO B 103 -8.27 -3.96 9.61
N PHE B 104 -7.72 -2.74 9.83
CA PHE B 104 -8.16 -1.54 9.12
C PHE B 104 -7.09 -1.08 8.14
N GLY B 105 -7.50 -0.51 7.00
CA GLY B 105 -6.61 -0.26 5.87
C GLY B 105 -6.96 -1.22 4.73
N ASN B 106 -6.52 -0.89 3.50
CA ASN B 106 -7.00 -1.57 2.30
C ASN B 106 -5.87 -1.78 1.29
N THR B 107 -4.64 -1.88 1.79
CA THR B 107 -3.50 -2.07 0.92
C THR B 107 -2.69 -3.23 1.51
N GLY B 108 -2.90 -4.40 0.93
CA GLY B 108 -2.09 -5.56 1.27
C GLY B 108 -0.60 -5.35 0.97
N GLY B 109 0.16 -6.36 1.36
CA GLY B 109 1.57 -6.44 1.05
C GLY B 109 2.11 -7.69 1.73
N THR B 110 3.19 -7.53 2.49
CA THR B 110 3.77 -8.65 3.20
C THR B 110 3.23 -8.63 4.62
N PRO B 111 2.49 -9.68 5.06
CA PRO B 111 1.81 -9.67 6.36
C PRO B 111 2.69 -9.98 7.57
N PHE B 112 2.22 -9.60 8.75
CA PHE B 112 2.81 -9.97 10.01
C PHE B 112 1.70 -10.22 11.02
N SER B 113 2.01 -11.07 11.98
CA SER B 113 1.10 -11.43 13.04
C SER B 113 1.93 -11.61 14.31
N LEU B 114 1.44 -11.01 15.40
CA LEU B 114 1.95 -11.22 16.73
C LEU B 114 0.81 -11.67 17.62
N PRO B 115 0.53 -12.99 17.74
CA PRO B 115 -0.37 -13.50 18.78
C PRO B 115 0.40 -13.52 20.11
N ILE B 116 -0.28 -13.13 21.19
CA ILE B 116 0.31 -13.21 22.52
C ILE B 116 -0.44 -14.26 23.33
N ALA B 117 0.26 -15.38 23.57
CA ALA B 117 -0.33 -16.55 24.21
C ALA B 117 -0.37 -16.29 25.72
N ALA B 118 0.62 -15.55 26.18
CA ALA B 118 0.75 -15.20 27.58
C ALA B 118 1.46 -13.85 27.66
N GLY B 119 0.75 -12.84 28.19
CA GLY B 119 1.32 -11.50 28.31
C GLY B 119 0.37 -10.50 27.68
N LYS B 120 0.78 -9.23 27.57
CA LYS B 120 -0.06 -8.22 26.94
C LYS B 120 0.80 -7.19 26.22
N ILE B 121 0.17 -6.48 25.29
CA ILE B 121 0.74 -5.25 24.74
C ILE B 121 0.53 -4.15 25.76
N SER B 122 1.59 -3.45 26.16
CA SER B 122 1.47 -2.33 27.08
C SER B 122 1.93 -1.03 26.45
N GLY B 123 2.35 -1.03 25.19
CA GLY B 123 2.97 0.16 24.67
C GLY B 123 3.34 0.01 23.21
N PHE B 124 3.64 1.14 22.58
CA PHE B 124 3.96 1.18 21.17
C PHE B 124 5.25 1.96 20.95
N PHE B 125 5.92 1.60 19.85
CA PHE B 125 7.02 2.35 19.32
C PHE B 125 7.04 2.10 17.83
N GLY B 126 7.75 2.94 17.09
CA GLY B 126 7.78 2.79 15.66
C GLY B 126 8.22 4.06 14.95
N ARG B 127 7.80 4.20 13.69
CA ARG B 127 8.12 5.35 12.88
C ARG B 127 6.84 5.83 12.23
N GLY B 128 6.72 7.15 12.10
CA GLY B 128 5.54 7.77 11.52
C GLY B 128 5.89 9.05 10.75
N GLY B 129 5.07 9.34 9.74
CA GLY B 129 5.15 10.56 8.95
C GLY B 129 3.76 11.10 8.60
N LYS B 130 3.38 10.94 7.34
CA LYS B 130 2.02 11.22 6.88
C LYS B 130 1.15 9.97 7.05
N PHE B 131 1.80 8.79 7.04
CA PHE B 131 1.14 7.55 7.38
C PHE B 131 1.93 6.87 8.50
N LEU B 132 1.45 5.71 8.95
CA LEU B 132 2.15 4.95 9.98
C LEU B 132 3.21 4.06 9.33
N ASP B 133 4.44 4.56 9.25
CA ASP B 133 5.50 3.94 8.48
C ASP B 133 5.81 2.56 9.09
N ALA B 134 5.96 2.48 10.41
CA ALA B 134 6.29 1.22 11.05
C ALA B 134 5.76 1.23 12.48
N ILE B 135 5.43 0.04 13.01
CA ILE B 135 4.97 -0.06 14.38
C ILE B 135 5.49 -1.33 15.04
N GLY B 136 5.78 -1.20 16.35
CA GLY B 136 6.11 -2.29 17.26
C GLY B 136 5.44 -2.09 18.62
N VAL B 137 5.60 -3.08 19.52
CA VAL B 137 4.91 -3.04 20.79
C VAL B 137 5.85 -3.41 21.91
N TYR B 138 5.52 -2.91 23.11
CA TYR B 138 6.13 -3.31 24.36
C TYR B 138 5.28 -4.43 24.96
N LEU B 139 5.90 -5.49 25.47
CA LEU B 139 5.14 -6.61 26.01
C LEU B 139 5.36 -6.73 27.51
N GLU B 140 4.33 -7.24 28.21
CA GLU B 140 4.40 -7.47 29.65
C GLU B 140 3.56 -8.68 30.03
N PRO B 141 3.86 -9.30 31.19
CA PRO B 141 3.17 -10.51 31.60
C PRO B 141 1.69 -10.23 31.92
#